data_4A86
#
_entry.id   4A86
#
_cell.length_a   32.630
_cell.length_b   55.560
_cell.length_c   38.000
_cell.angle_alpha   90.00
_cell.angle_beta   93.36
_cell.angle_gamma   90.00
#
_symmetry.space_group_name_H-M   'P 1 21 1'
#
loop_
_entity.id
_entity.type
_entity.pdbx_description
1 polymer 'MAJOR POLLEN ALLERGEN BET V 1-A'
2 non-polymer '8-ANILINO-1-NAPHTHALENE SULFONATE'
3 non-polymer N-(FURAN-2-YLMETHYL)-7H-PURIN-6-AMINE
4 non-polymer 'SULFATE ION'
5 water water
#
_entity_poly.entity_id   1
_entity_poly.type   'polypeptide(L)'
_entity_poly.pdbx_seq_one_letter_code
;GVFNYETETTSVIPAARLFKAFILDGDNLFPKVAPQAISSVENIEGNGGPGTIKKISFPEGFPFKYVKDRVDEVDHTNFK
YNYSVIEGGPIGDTLEKISNEIKIVATPDGGSILKISNKYHTKGDHEVKAEQVKASKEMGETLLRAVESYLLAHSDAYN
;
_entity_poly.pdbx_strand_id   A
#
loop_
_chem_comp.id
_chem_comp.type
_chem_comp.name
_chem_comp.formula
2AN non-polymer '8-ANILINO-1-NAPHTHALENE SULFONATE' 'C16 H13 N O3 S'
H35 non-polymer N-(FURAN-2-YLMETHYL)-7H-PURIN-6-AMINE 'C10 H9 N5 O'
SO4 non-polymer 'SULFATE ION' 'O4 S -2'
#
# COMPACT_ATOMS: atom_id res chain seq x y z
N GLY A 1 -19.64 9.88 6.36
CA GLY A 1 -19.44 8.78 7.35
C GLY A 1 -18.26 7.91 6.98
N VAL A 2 -18.11 6.78 7.66
CA VAL A 2 -16.98 5.87 7.43
C VAL A 2 -17.48 4.47 7.01
N PHE A 3 -16.96 3.97 5.90
CA PHE A 3 -17.15 2.60 5.48
C PHE A 3 -15.85 1.83 5.75
N ASN A 4 -15.94 0.72 6.49
CA ASN A 4 -14.80 -0.09 6.84
C ASN A 4 -14.79 -1.41 6.08
N TYR A 5 -13.66 -1.69 5.46
CA TYR A 5 -13.42 -2.91 4.70
C TYR A 5 -12.18 -3.57 5.23
N GLU A 6 -12.26 -4.88 5.40
CA GLU A 6 -11.13 -5.64 5.96
C GLU A 6 -10.83 -6.87 5.11
N THR A 7 -9.55 -7.22 5.05
CA THR A 7 -9.17 -8.44 4.38
C THR A 7 -7.89 -8.96 5.01
N GLU A 8 -7.64 -10.24 4.78
CA GLU A 8 -6.44 -10.90 5.27
C GLU A 8 -5.87 -11.65 4.09
N THR A 9 -4.55 -11.68 3.99
CA THR A 9 -3.90 -12.41 2.90
C THR A 9 -2.57 -12.89 3.44
N THR A 10 -1.97 -13.84 2.75
CA THR A 10 -0.80 -14.49 3.27
C THR A 10 0.36 -14.18 2.37
N SER A 11 1.55 -14.34 2.90
CA SER A 11 2.77 -14.20 2.10
C SER A 11 3.69 -15.30 2.49
N VAL A 12 4.56 -15.70 1.55
CA VAL A 12 5.65 -16.66 1.87
C VAL A 12 6.89 -16.02 2.45
N ILE A 13 6.91 -14.69 2.52
CA ILE A 13 8.09 -13.97 3.05
C ILE A 13 7.91 -13.67 4.54
N PRO A 14 8.97 -13.86 5.35
CA PRO A 14 8.90 -13.53 6.76
C PRO A 14 8.54 -12.09 7.02
N ALA A 15 7.89 -11.85 8.15
CA ALA A 15 7.27 -10.55 8.44
C ALA A 15 8.23 -9.36 8.38
N ALA A 16 9.39 -9.46 9.03
CA ALA A 16 10.27 -8.32 9.14
C ALA A 16 10.82 -7.96 7.78
N ARG A 17 11.16 -8.98 6.99
CA ARG A 17 11.77 -8.74 5.69
C ARG A 17 10.70 -8.13 4.75
N LEU A 18 9.50 -8.71 4.81
CA LEU A 18 8.39 -8.20 3.97
C LEU A 18 8.08 -6.75 4.36
N PHE A 19 8.04 -6.47 5.66
CA PHE A 19 7.80 -5.11 6.11
C PHE A 19 8.88 -4.13 5.57
N LYS A 20 10.14 -4.51 5.66
CA LYS A 20 11.25 -3.67 5.19
C LYS A 20 11.14 -3.35 3.71
N ALA A 21 10.78 -4.35 2.90
CA ALA A 21 10.71 -4.23 1.45
C ALA A 21 9.38 -3.62 0.97
N PHE A 22 8.30 -4.32 1.27
CA PHE A 22 6.98 -4.00 0.71
C PHE A 22 6.43 -2.72 1.33
N ILE A 23 6.63 -2.53 2.64
CA ILE A 23 6.12 -1.33 3.33
C ILE A 23 7.09 -0.18 3.31
N LEU A 24 8.28 -0.38 3.86
CA LEU A 24 9.23 0.69 4.04
C LEU A 24 9.94 1.13 2.77
N ASP A 25 10.08 0.25 1.77
CA ASP A 25 10.79 0.61 0.53
C ASP A 25 9.90 0.52 -0.70
N GLY A 26 8.59 0.56 -0.51
CA GLY A 26 7.65 0.59 -1.63
C GLY A 26 7.95 1.65 -2.69
N ASP A 27 8.44 2.83 -2.29
N ASP A 27 8.38 2.82 -2.26
CA ASP A 27 8.79 3.93 -3.24
CA ASP A 27 8.82 3.93 -3.11
C ASP A 27 9.76 3.48 -4.30
C ASP A 27 9.76 3.51 -4.24
N ASN A 28 10.74 2.68 -3.89
CA ASN A 28 11.70 2.15 -4.85
CA ASN A 28 11.70 2.13 -4.81
C ASN A 28 11.17 0.90 -5.53
N LEU A 29 10.62 -0.03 -4.76
CA LEU A 29 10.29 -1.33 -5.33
C LEU A 29 9.12 -1.30 -6.25
N PHE A 30 8.04 -0.57 -5.92
CA PHE A 30 6.83 -0.76 -6.72
C PHE A 30 7.01 -0.42 -8.20
N PRO A 31 7.62 0.74 -8.51
CA PRO A 31 7.85 1.01 -9.95
C PRO A 31 8.82 0.06 -10.64
N LYS A 32 9.72 -0.55 -9.87
CA LYS A 32 10.73 -1.47 -10.40
C LYS A 32 10.12 -2.85 -10.68
N VAL A 33 9.39 -3.37 -9.70
CA VAL A 33 8.85 -4.73 -9.79
C VAL A 33 7.44 -4.83 -10.39
N ALA A 34 6.72 -3.70 -10.44
CA ALA A 34 5.36 -3.69 -10.97
C ALA A 34 5.09 -2.45 -11.82
N PRO A 35 5.96 -2.18 -12.82
CA PRO A 35 5.80 -0.98 -13.67
C PRO A 35 4.49 -0.93 -14.43
N GLN A 36 3.85 -2.07 -14.65
CA GLN A 36 2.54 -2.04 -15.28
C GLN A 36 1.38 -1.80 -14.33
N ALA A 37 1.66 -1.62 -13.03
CA ALA A 37 0.69 -1.21 -12.03
C ALA A 37 1.00 0.20 -11.48
N ILE A 38 2.28 0.55 -11.32
CA ILE A 38 2.69 1.82 -10.73
CA ILE A 38 2.65 1.84 -10.77
C ILE A 38 3.79 2.42 -11.60
N SER A 39 3.56 3.60 -12.15
CA SER A 39 4.54 4.18 -13.07
CA SER A 39 4.53 4.24 -13.05
C SER A 39 5.67 4.89 -12.29
N SER A 40 5.36 5.51 -11.17
CA SER A 40 6.35 6.23 -10.37
C SER A 40 5.82 6.56 -8.99
N VAL A 41 6.76 6.85 -8.09
CA VAL A 41 6.46 7.27 -6.75
C VAL A 41 7.35 8.44 -6.42
N GLU A 42 6.73 9.56 -6.13
CA GLU A 42 7.40 10.82 -5.84
C GLU A 42 7.25 11.16 -4.37
N ASN A 43 8.37 11.42 -3.71
CA ASN A 43 8.35 11.95 -2.37
C ASN A 43 8.15 13.44 -2.44
N ILE A 44 7.03 13.91 -1.92
CA ILE A 44 6.66 15.34 -2.01
C ILE A 44 7.23 16.13 -0.83
N GLU A 45 7.09 15.55 0.37
CA GLU A 45 7.73 16.09 1.55
CA GLU A 45 7.52 16.16 1.63
C GLU A 45 7.73 15.06 2.69
N GLY A 46 8.71 15.25 3.57
CA GLY A 46 8.92 14.37 4.73
C GLY A 46 9.98 13.30 4.50
N ASN A 47 10.47 12.76 5.63
CA ASN A 47 11.60 11.85 5.69
C ASN A 47 11.12 10.44 5.99
N GLY A 48 9.83 10.15 5.77
CA GLY A 48 9.35 8.75 5.80
C GLY A 48 8.45 8.40 6.98
N GLY A 49 8.46 9.25 8.02
CA GLY A 49 7.64 9.08 9.18
C GLY A 49 6.28 9.74 8.98
N PRO A 50 5.47 9.78 10.06
CA PRO A 50 4.16 10.43 10.06
C PRO A 50 4.19 11.78 9.36
N GLY A 51 3.30 11.96 8.40
CA GLY A 51 3.18 13.24 7.73
C GLY A 51 3.80 13.25 6.34
N THR A 52 4.65 12.25 6.06
CA THR A 52 5.28 12.17 4.74
C THR A 52 4.21 12.01 3.66
N ILE A 53 4.33 12.81 2.61
CA ILE A 53 3.45 12.78 1.46
C ILE A 53 4.17 12.25 0.22
N LYS A 54 3.53 11.28 -0.43
N LYS A 54 3.57 11.24 -0.40
CA LYS A 54 4.01 10.66 -1.64
CA LYS A 54 4.05 10.73 -1.67
C LYS A 54 2.95 10.70 -2.71
C LYS A 54 2.95 10.85 -2.69
N LYS A 55 3.38 10.98 -3.95
CA LYS A 55 2.49 10.99 -5.11
C LYS A 55 2.80 9.72 -5.90
N ILE A 56 1.79 8.85 -5.97
CA ILE A 56 1.83 7.55 -6.66
C ILE A 56 1.08 7.73 -7.99
N SER A 57 1.82 7.61 -9.10
CA SER A 57 1.25 7.77 -10.44
C SER A 57 1.01 6.40 -11.04
N PHE A 58 -0.11 6.29 -11.76
CA PHE A 58 -0.50 5.04 -12.42
C PHE A 58 -0.19 5.10 -13.91
N PRO A 59 -0.06 3.93 -14.53
CA PRO A 59 0.20 3.90 -15.98
C PRO A 59 -0.95 4.47 -16.77
N GLU A 60 -0.64 4.87 -17.98
CA GLU A 60 -1.69 5.28 -18.94
C GLU A 60 -2.78 4.20 -19.04
N GLY A 61 -4.02 4.64 -19.19
CA GLY A 61 -5.13 3.72 -19.34
C GLY A 61 -5.78 3.30 -18.04
N PHE A 62 -5.15 3.63 -16.92
CA PHE A 62 -5.73 3.28 -15.64
C PHE A 62 -6.90 4.21 -15.28
N PRO A 63 -7.77 3.78 -14.37
CA PRO A 63 -8.89 4.66 -14.03
C PRO A 63 -8.53 6.06 -13.52
N PHE A 64 -7.45 6.13 -12.71
CA PHE A 64 -6.99 7.37 -12.10
C PHE A 64 -5.56 7.69 -12.56
N LYS A 65 -5.24 8.97 -12.57
CA LYS A 65 -3.94 9.46 -12.95
C LYS A 65 -2.94 9.23 -11.82
N TYR A 66 -3.34 9.58 -10.61
CA TYR A 66 -2.49 9.46 -9.42
C TYR A 66 -3.29 9.51 -8.13
N VAL A 67 -2.61 9.18 -7.04
CA VAL A 67 -3.07 9.55 -5.72
C VAL A 67 -1.90 10.06 -4.93
N LYS A 68 -2.22 10.93 -4.00
CA LYS A 68 -1.27 11.36 -2.97
C LYS A 68 -1.61 10.66 -1.68
N ASP A 69 -0.61 9.98 -1.11
CA ASP A 69 -0.75 9.24 0.14
C ASP A 69 0.07 9.94 1.22
N ARG A 70 -0.43 9.88 2.43
CA ARG A 70 0.21 10.45 3.59
C ARG A 70 0.50 9.32 4.57
N VAL A 71 1.74 9.22 5.00
CA VAL A 71 2.09 8.30 6.07
C VAL A 71 1.48 8.82 7.35
N ASP A 72 0.79 7.94 8.06
CA ASP A 72 0.19 8.27 9.34
C ASP A 72 1.01 7.74 10.52
N GLU A 73 1.40 6.46 10.45
CA GLU A 73 2.13 5.80 11.55
C GLU A 73 2.96 4.67 11.03
N VAL A 74 4.14 4.47 11.64
CA VAL A 74 5.05 3.41 11.23
C VAL A 74 5.59 2.76 12.50
N ASP A 75 5.21 1.50 12.70
CA ASP A 75 5.62 0.81 13.90
C ASP A 75 6.52 -0.35 13.46
N HIS A 76 7.83 -0.10 13.55
CA HIS A 76 8.86 -1.05 13.14
C HIS A 76 8.94 -2.28 14.04
N THR A 77 8.39 -2.20 15.24
CA THR A 77 8.40 -3.33 16.19
C THR A 77 7.28 -4.32 15.92
N ASN A 78 6.08 -3.80 15.72
CA ASN A 78 4.89 -4.64 15.53
C ASN A 78 4.49 -4.77 14.06
N PHE A 79 5.31 -4.21 13.16
CA PHE A 79 5.12 -4.31 11.71
C PHE A 79 3.72 -3.77 11.33
N LYS A 80 3.43 -2.60 11.87
CA LYS A 80 2.18 -1.90 11.61
C LYS A 80 2.48 -0.64 10.81
N TYR A 81 1.65 -0.38 9.81
CA TYR A 81 1.82 0.78 8.98
C TYR A 81 0.45 1.34 8.60
N ASN A 82 0.26 2.60 8.92
CA ASN A 82 -0.98 3.31 8.64
C ASN A 82 -0.67 4.42 7.70
N TYR A 83 -1.52 4.56 6.68
CA TYR A 83 -1.39 5.67 5.74
C TYR A 83 -2.76 6.01 5.18
N SER A 84 -2.86 7.20 4.63
CA SER A 84 -4.11 7.73 4.10
C SER A 84 -3.99 8.22 2.68
N VAL A 85 -5.00 7.92 1.86
CA VAL A 85 -5.13 8.49 0.52
C VAL A 85 -5.82 9.83 0.74
N ILE A 86 -5.14 10.92 0.38
CA ILE A 86 -5.62 12.25 0.77
C ILE A 86 -5.90 13.22 -0.37
N GLU A 87 -5.46 12.87 -1.57
CA GLU A 87 -5.75 13.66 -2.73
C GLU A 87 -5.62 12.84 -3.99
N GLY A 88 -6.31 13.27 -5.05
CA GLY A 88 -6.29 12.58 -6.32
C GLY A 88 -7.19 11.36 -6.44
N GLY A 89 -7.28 10.86 -7.66
CA GLY A 89 -7.94 9.59 -7.89
C GLY A 89 -9.39 9.68 -7.48
N PRO A 90 -9.82 8.81 -6.57
CA PRO A 90 -11.23 8.86 -6.11
C PRO A 90 -11.57 10.03 -5.14
N ILE A 91 -10.55 10.73 -4.62
CA ILE A 91 -10.74 11.81 -3.66
C ILE A 91 -11.32 13.07 -4.31
N GLY A 92 -12.33 13.63 -3.65
CA GLY A 92 -13.09 14.72 -4.22
C GLY A 92 -14.35 14.98 -3.44
N ASP A 93 -15.35 15.45 -4.16
CA ASP A 93 -16.53 15.95 -3.48
C ASP A 93 -17.44 14.88 -2.90
N THR A 94 -17.10 13.60 -3.12
CA THR A 94 -17.81 12.46 -2.54
C THR A 94 -16.96 11.66 -1.55
N LEU A 95 -15.66 11.88 -1.57
CA LEU A 95 -14.76 11.08 -0.74
C LEU A 95 -13.67 11.95 -0.25
N GLU A 96 -13.58 12.13 1.06
CA GLU A 96 -12.61 13.00 1.75
C GLU A 96 -11.22 12.36 1.81
N LYS A 97 -11.19 11.09 2.17
CA LYS A 97 -9.95 10.35 2.38
C LYS A 97 -10.23 8.85 2.57
N ILE A 98 -9.18 8.05 2.37
CA ILE A 98 -9.21 6.63 2.66
C ILE A 98 -8.09 6.37 3.67
N SER A 99 -8.47 5.97 4.87
CA SER A 99 -7.53 5.69 5.97
C SER A 99 -7.24 4.20 6.00
N ASN A 100 -5.97 3.83 5.81
CA ASN A 100 -5.59 2.40 5.70
C ASN A 100 -4.66 1.98 6.85
N GLU A 101 -4.86 0.75 7.33
N GLU A 101 -4.84 0.75 7.31
CA GLU A 101 -4.00 0.15 8.35
CA GLU A 101 -4.02 0.15 8.36
C GLU A 101 -3.58 -1.24 7.91
C GLU A 101 -3.58 -1.25 7.93
N ILE A 102 -2.26 -1.49 7.93
CA ILE A 102 -1.68 -2.80 7.58
C ILE A 102 -0.90 -3.31 8.77
N LYS A 103 -1.14 -4.55 9.12
CA LYS A 103 -0.33 -5.23 10.13
C LYS A 103 0.19 -6.55 9.55
N ILE A 104 1.47 -6.81 9.72
CA ILE A 104 2.07 -8.02 9.20
C ILE A 104 2.50 -8.86 10.39
N VAL A 105 1.96 -10.07 10.45
CA VAL A 105 2.26 -10.99 11.59
C VAL A 105 2.99 -12.25 11.12
N ALA A 106 3.99 -12.66 11.90
CA ALA A 106 4.76 -13.85 11.57
C ALA A 106 3.94 -15.11 11.72
N THR A 107 4.21 -16.09 10.87
CA THR A 107 3.69 -17.44 11.06
C THR A 107 4.86 -18.43 11.35
N PRO A 108 4.59 -19.53 12.06
CA PRO A 108 5.61 -20.55 12.33
C PRO A 108 6.27 -21.16 11.08
N ASP A 109 5.58 -21.17 9.94
N ASP A 109 5.54 -21.15 9.96
CA ASP A 109 6.14 -21.79 8.73
CA ASP A 109 6.00 -21.73 8.71
C ASP A 109 7.18 -20.88 8.06
C ASP A 109 7.18 -20.90 8.11
N GLY A 110 7.40 -19.69 8.61
CA GLY A 110 8.39 -18.75 8.07
C GLY A 110 7.78 -17.80 7.05
N GLY A 111 6.45 -17.73 7.01
CA GLY A 111 5.80 -16.78 6.19
C GLY A 111 5.13 -15.74 7.05
N SER A 112 4.11 -15.10 6.50
CA SER A 112 3.43 -14.04 7.24
C SER A 112 1.99 -13.93 6.80
N ILE A 113 1.22 -13.23 7.64
CA ILE A 113 -0.16 -12.91 7.35
C ILE A 113 -0.30 -11.39 7.43
N LEU A 114 -0.96 -10.83 6.43
CA LEU A 114 -1.19 -9.42 6.35
C LEU A 114 -2.68 -9.18 6.66
N LYS A 115 -2.91 -8.29 7.61
CA LYS A 115 -4.24 -7.90 8.01
C LYS A 115 -4.40 -6.43 7.64
N ILE A 116 -5.41 -6.14 6.82
CA ILE A 116 -5.58 -4.85 6.18
C ILE A 116 -6.99 -4.30 6.48
N SER A 117 -7.04 -3.05 6.93
CA SER A 117 -8.31 -2.28 7.07
C SER A 117 -8.23 -1.06 6.16
N ASN A 118 -9.32 -0.79 5.46
CA ASN A 118 -9.45 0.44 4.69
C ASN A 118 -10.72 1.08 5.13
N LYS A 119 -10.60 2.33 5.58
CA LYS A 119 -11.72 3.15 6.00
C LYS A 119 -11.96 4.33 5.07
N TYR A 120 -13.09 4.29 4.36
CA TYR A 120 -13.50 5.30 3.42
C TYR A 120 -14.30 6.36 4.14
N HIS A 121 -13.83 7.59 4.10
CA HIS A 121 -14.45 8.73 4.77
C HIS A 121 -15.17 9.55 3.71
N THR A 122 -16.49 9.41 3.66
CA THR A 122 -17.25 10.04 2.58
C THR A 122 -17.76 11.39 3.01
N LYS A 123 -18.19 12.15 1.99
CA LYS A 123 -18.77 13.47 2.13
C LYS A 123 -20.17 13.32 1.66
N GLY A 124 -21.09 13.90 2.42
CA GLY A 124 -22.48 13.88 2.04
C GLY A 124 -23.01 12.47 1.99
N ASP A 125 -23.95 12.24 1.08
CA ASP A 125 -24.76 11.05 1.13
C ASP A 125 -24.39 10.09 0.02
N HIS A 126 -23.09 9.79 -0.06
CA HIS A 126 -22.60 8.84 -1.04
C HIS A 126 -22.13 7.59 -0.36
N GLU A 127 -22.22 6.50 -1.12
CA GLU A 127 -21.92 5.16 -0.67
C GLU A 127 -20.72 4.59 -1.46
N VAL A 128 -19.89 3.81 -0.79
CA VAL A 128 -18.77 3.16 -1.43
C VAL A 128 -19.27 1.83 -2.04
N LYS A 129 -18.76 1.49 -3.22
CA LYS A 129 -19.22 0.35 -4.03
C LYS A 129 -18.29 -0.86 -3.93
N ALA A 130 -18.83 -2.07 -4.07
CA ALA A 130 -18.02 -3.28 -4.09
C ALA A 130 -16.86 -3.21 -5.10
N GLU A 131 -17.10 -2.62 -6.26
CA GLU A 131 -16.08 -2.60 -7.33
C GLU A 131 -14.87 -1.69 -7.01
N GLN A 132 -15.08 -0.65 -6.21
CA GLN A 132 -14.00 0.29 -5.89
C GLN A 132 -13.05 -0.39 -4.92
N VAL A 133 -13.65 -1.05 -3.92
CA VAL A 133 -12.91 -1.77 -2.92
C VAL A 133 -12.18 -2.94 -3.58
N LYS A 134 -12.86 -3.61 -4.52
CA LYS A 134 -12.28 -4.76 -5.23
C LYS A 134 -11.05 -4.36 -6.04
N ALA A 135 -11.14 -3.23 -6.74
CA ALA A 135 -10.03 -2.72 -7.55
C ALA A 135 -8.82 -2.43 -6.65
N SER A 136 -9.07 -1.82 -5.49
CA SER A 136 -7.99 -1.56 -4.52
C SER A 136 -7.35 -2.87 -4.02
N LYS A 137 -8.17 -3.87 -3.75
CA LYS A 137 -7.65 -5.17 -3.28
C LYS A 137 -6.80 -5.82 -4.36
N GLU A 138 -7.28 -5.75 -5.61
CA GLU A 138 -6.55 -6.38 -6.73
C GLU A 138 -5.18 -5.72 -6.84
N MET A 139 -5.15 -4.41 -6.71
CA MET A 139 -3.90 -3.65 -6.81
CA MET A 139 -3.89 -3.70 -6.85
C MET A 139 -2.95 -4.06 -5.71
N GLY A 140 -3.46 -4.05 -4.48
CA GLY A 140 -2.63 -4.42 -3.31
C GLY A 140 -2.04 -5.81 -3.47
N GLU A 141 -2.86 -6.75 -3.91
CA GLU A 141 -2.43 -8.15 -4.12
C GLU A 141 -1.40 -8.26 -5.26
N THR A 142 -1.60 -7.49 -6.33
CA THR A 142 -0.64 -7.45 -7.44
C THR A 142 0.71 -6.93 -6.96
N LEU A 143 0.72 -5.85 -6.17
CA LEU A 143 1.99 -5.29 -5.67
C LEU A 143 2.64 -6.33 -4.73
N LEU A 144 1.83 -6.95 -3.89
CA LEU A 144 2.35 -7.93 -2.94
C LEU A 144 3.05 -9.08 -3.65
N ARG A 145 2.36 -9.66 -4.61
CA ARG A 145 2.92 -10.80 -5.36
C ARG A 145 4.19 -10.40 -6.16
N ALA A 146 4.22 -9.17 -6.70
CA ALA A 146 5.41 -8.67 -7.43
C ALA A 146 6.60 -8.51 -6.47
N VAL A 147 6.35 -7.94 -5.31
CA VAL A 147 7.42 -7.76 -4.31
C VAL A 147 7.89 -9.13 -3.81
N GLU A 148 6.93 -10.01 -3.51
N GLU A 148 6.95 -10.03 -3.52
CA GLU A 148 7.22 -11.37 -3.07
CA GLU A 148 7.30 -11.38 -3.09
C GLU A 148 8.13 -12.09 -4.06
C GLU A 148 8.21 -12.04 -4.09
N SER A 149 7.78 -12.07 -5.34
CA SER A 149 8.60 -12.68 -6.40
C SER A 149 10.03 -12.13 -6.43
N TYR A 150 10.15 -10.81 -6.32
CA TYR A 150 11.45 -10.14 -6.31
C TYR A 150 12.32 -10.62 -5.10
N LEU A 151 11.69 -10.65 -3.94
CA LEU A 151 12.36 -11.07 -2.71
C LEU A 151 12.80 -12.54 -2.72
N LEU A 152 12.02 -13.40 -3.38
CA LEU A 152 12.40 -14.81 -3.58
C LEU A 152 13.63 -14.95 -4.49
N ALA A 153 13.70 -14.07 -5.48
CA ALA A 153 14.70 -14.10 -6.56
C ALA A 153 15.98 -13.33 -6.21
N HIS A 154 15.93 -12.50 -5.17
CA HIS A 154 17.04 -11.65 -4.75
C HIS A 154 17.27 -11.86 -3.28
N SER A 155 17.98 -12.92 -2.96
CA SER A 155 18.12 -13.32 -1.57
C SER A 155 18.92 -12.36 -0.71
N ASP A 156 19.77 -11.51 -1.31
CA ASP A 156 20.57 -10.59 -0.55
CA ASP A 156 20.58 -10.58 -0.55
C ASP A 156 19.88 -9.25 -0.30
N ALA A 157 18.66 -9.09 -0.83
CA ALA A 157 17.92 -7.85 -0.71
C ALA A 157 17.11 -7.84 0.57
N TYR A 158 17.25 -6.77 1.35
CA TYR A 158 16.41 -6.50 2.54
C TYR A 158 16.56 -7.45 3.72
N ASN A 159 17.74 -8.03 3.90
CA ASN A 159 17.99 -8.85 5.12
C ASN A 159 18.31 -8.05 6.36
C1 2AN B . -5.18 -4.54 -0.08
C2 2AN B . -5.71 -5.81 -0.37
C3 2AN B . -4.91 -6.93 -0.34
C4 2AN B . -3.57 -6.80 -0.04
C5 2AN B . -3.05 -5.53 0.22
C6 2AN B . -1.69 -5.48 0.51
C7 2AN B . -1.15 -4.25 0.78
C8 2AN B . -1.94 -3.11 0.77
N 2AN B . -5.99 -3.40 -0.11
S 2AN B . -3.89 -1.58 0.54
C9 2AN B . -3.27 -3.10 0.49
C10 2AN B . -3.83 -4.37 0.20
C11 2AN B . -7.31 -3.56 0.34
C12 2AN B . -8.28 -2.83 -0.34
C13 2AN B . -9.62 -2.91 0.04
C14 2AN B . -9.97 -3.73 1.13
C15 2AN B . -8.99 -4.45 1.83
C16 2AN B . -7.65 -4.36 1.43
O1 2AN B . -2.87 -0.64 0.93
O2 2AN B . -4.92 -1.38 1.49
O3 2AN B . -4.31 -1.11 -0.97
CAM H35 C . 1.17 -0.79 1.79
CAO H35 C . 0.18 -1.55 1.26
CAN H35 C . 0.32 -1.53 -0.11
OAL H35 C . 1.39 -0.73 -0.39
CAK H35 C . 1.86 -0.32 0.71
CAP H35 C . 3.02 0.55 0.90
N6 H35 C . 2.53 1.78 1.57
C6 H35 C . 2.88 2.88 0.81
N1 H35 C . 3.50 2.66 -0.37
C2 H35 C . 3.88 3.69 -1.13
N3 H35 C . 3.62 4.93 -0.73
C4 H35 C . 2.98 5.19 0.44
C5 H35 C . 2.60 4.16 1.24
N7 H35 C . 2.01 4.69 2.34
C8 H35 C . 2.03 6.03 2.24
N9 H35 C . 2.63 6.33 1.06
S SO4 D . -11.39 -11.99 3.56
O1 SO4 D . -11.69 -13.20 2.75
O2 SO4 D . -9.94 -12.00 3.92
O3 SO4 D . -12.21 -12.01 4.79
O4 SO4 D . -11.74 -10.77 2.78
S SO4 E . -4.63 -15.45 0.55
O1 SO4 E . -5.13 -16.69 -0.08
O2 SO4 E . -3.17 -15.35 0.32
O3 SO4 E . -4.87 -15.53 2.01
O4 SO4 E . -5.33 -14.28 -0.05
S SO4 F . -12.77 -8.34 -12.38
O1 SO4 F . -13.29 -9.11 -13.52
O2 SO4 F . -11.53 -7.63 -12.80
O3 SO4 F . -12.44 -9.29 -11.28
O4 SO4 F . -13.79 -7.35 -11.96
S SO4 G . -7.17 14.19 8.30
O1 SO4 G . -6.49 14.75 7.10
O2 SO4 G . -6.38 13.05 8.83
O3 SO4 G . -8.52 13.72 7.91
O4 SO4 G . -7.30 15.26 9.32
#